data_2BGW
#
_entry.id   2BGW
#
_cell.length_a   141.312
_cell.length_b   141.312
_cell.length_c   85.311
_cell.angle_alpha   90.00
_cell.angle_beta   90.00
_cell.angle_gamma   120.00
#
_symmetry.space_group_name_H-M   'P 32 2 1'
#
loop_
_entity.id
_entity.type
_entity.pdbx_description
1 polymer 'XPF ENDONUCLEASE'
2 polymer "5'-D(*GP*AP*TP*CP*AP*CP*AP*GP*AP*TP *GP*CP*TP*GP*A)-3'"
3 polymer "5'-D(*TP*CP*AP*GP*CP*AP*TP*CP*TP*GP *TP*GP*AP*TP*C)-3'"
4 non-polymer 'MAGNESIUM ION'
5 non-polymer 'SULFATE ION'
6 water water
#
loop_
_entity_poly.entity_id
_entity_poly.type
_entity_poly.pdbx_seq_one_letter_code
_entity_poly.pdbx_strand_id
1 'polypeptide(L)'
;MLEDPGGRPRVYVDVREERSPVPSILESLGVQVIPKQLPMGDYLVSDSIIVERKTSSDFAKSLFDGRLFEQASRLAEHYE
TVFIIVEGPPVPRRYRGRERSLYAAMAALQLDYGIRLMNTMDPKGTALVIESLARLSTREGGQRIVIHKKPRLSDVREWQ
LYILQSFPGIGRRTAERILERFGSLERFFTASKAEISKVEGIGEKRAEEIKKILMTPYK
;
A,B
2 'polydeoxyribonucleotide' (DG)(DA)(DT)(DC)(DA)(DC)(DA)(DG)(DA)(DT)(DG)(DC)(DT)(DG)(DA) C
3 'polydeoxyribonucleotide' (DT)(DC)(DA)(DG)(DC)(DA)(DT)(DC)(DT)(DG)(DT)(DG)(DA)(DT)(DC) D
#
loop_
_chem_comp.id
_chem_comp.type
_chem_comp.name
_chem_comp.formula
DA DNA linking 2'-DEOXYADENOSINE-5'-MONOPHOSPHATE 'C10 H14 N5 O6 P'
DC DNA linking 2'-DEOXYCYTIDINE-5'-MONOPHOSPHATE 'C9 H14 N3 O7 P'
DG DNA linking 2'-DEOXYGUANOSINE-5'-MONOPHOSPHATE 'C10 H14 N5 O7 P'
DT DNA linking THYMIDINE-5'-MONOPHOSPHATE 'C10 H15 N2 O8 P'
MG non-polymer 'MAGNESIUM ION' 'Mg 2'
SO4 non-polymer 'SULFATE ION' 'O4 S -2'
#
# COMPACT_ATOMS: atom_id res chain seq x y z
N MET A 1 -8.42 4.57 -18.56
CA MET A 1 -9.12 3.65 -19.49
C MET A 1 -10.37 2.92 -18.97
N LEU A 2 -10.38 2.49 -17.71
CA LEU A 2 -11.58 1.83 -17.14
C LEU A 2 -12.73 2.82 -17.25
N GLU A 3 -13.89 2.40 -17.75
CA GLU A 3 -14.98 3.34 -18.06
C GLU A 3 -16.11 3.58 -17.08
N ASP A 4 -16.78 2.52 -16.65
CA ASP A 4 -18.05 2.64 -15.99
C ASP A 4 -17.93 2.94 -14.51
N PRO A 5 -18.77 3.85 -14.00
CA PRO A 5 -18.85 4.13 -12.59
C PRO A 5 -19.30 2.90 -11.83
N GLY A 6 -18.72 2.64 -10.66
CA GLY A 6 -19.08 1.49 -9.86
C GLY A 6 -20.11 1.73 -8.77
N GLY A 7 -20.19 0.79 -7.82
CA GLY A 7 -21.21 0.83 -6.77
C GLY A 7 -21.16 1.96 -5.75
N ARG A 8 -21.95 1.82 -4.69
CA ARG A 8 -21.99 2.78 -3.59
C ARG A 8 -20.58 2.86 -3.03
N PRO A 9 -20.01 4.07 -2.99
CA PRO A 9 -18.68 4.30 -2.42
C PRO A 9 -18.59 3.83 -0.98
N ARG A 10 -17.62 2.95 -0.72
CA ARG A 10 -17.53 2.16 0.50
C ARG A 10 -16.06 1.93 0.85
N VAL A 11 -15.69 2.16 2.11
CA VAL A 11 -14.35 1.85 2.58
C VAL A 11 -14.44 1.43 4.02
N TYR A 12 -13.46 0.64 4.46
CA TYR A 12 -13.32 0.25 5.85
C TYR A 12 -12.19 1.01 6.54
N VAL A 13 -12.47 1.56 7.73
CA VAL A 13 -11.46 2.21 8.56
C VAL A 13 -10.95 1.28 9.61
N ASP A 14 -9.65 1.18 9.78
CA ASP A 14 -9.22 0.47 10.96
C ASP A 14 -9.62 1.23 12.23
N VAL A 15 -9.81 0.49 13.31
CA VAL A 15 -10.23 1.11 14.57
C VAL A 15 -9.25 2.14 15.13
N ARG A 16 -7.95 1.80 15.12
CA ARG A 16 -6.91 2.72 15.60
C ARG A 16 -7.03 4.08 14.90
N GLU A 17 -7.65 4.10 13.71
CA GLU A 17 -7.84 5.33 12.92
C GLU A 17 -9.17 5.99 13.12
N GLU A 18 -10.18 5.19 13.43
CA GLU A 18 -11.53 5.65 13.75
C GLU A 18 -11.64 7.05 14.40
N ARG A 19 -10.66 7.40 15.25
CA ARG A 19 -10.59 8.65 16.02
C ARG A 19 -10.47 9.92 15.17
N SER A 20 -9.67 9.83 14.09
CA SER A 20 -9.43 10.86 13.08
C SER A 20 -10.60 11.74 12.78
N PRO A 21 -10.33 13.00 12.39
CA PRO A 21 -11.37 13.79 11.76
C PRO A 21 -11.76 13.16 10.43
N VAL A 22 -10.87 12.33 9.87
CA VAL A 22 -11.04 11.79 8.52
C VAL A 22 -12.36 11.06 8.22
N PRO A 23 -12.73 10.02 9.00
CA PRO A 23 -14.01 9.34 8.76
C PRO A 23 -15.25 10.21 8.60
N SER A 24 -15.45 11.18 9.49
CA SER A 24 -16.62 12.11 9.39
C SER A 24 -16.57 12.92 8.13
N ILE A 25 -15.38 13.35 7.76
CA ILE A 25 -15.23 14.04 6.49
C ILE A 25 -15.61 13.11 5.35
N LEU A 26 -15.09 11.88 5.39
CA LEU A 26 -15.39 10.86 4.38
C LEU A 26 -16.88 10.61 4.24
N GLU A 27 -17.57 10.50 5.34
CA GLU A 27 -19.00 10.30 5.31
C GLU A 27 -19.71 11.52 4.75
N SER A 28 -19.11 12.67 5.02
CA SER A 28 -19.68 13.92 4.55
C SER A 28 -19.56 14.08 3.07
N LEU A 29 -18.61 13.38 2.43
CA LEU A 29 -18.54 13.30 0.96
C LEU A 29 -19.38 12.12 0.39
N GLY A 30 -20.23 11.54 1.25
CA GLY A 30 -21.14 10.47 0.83
C GLY A 30 -20.53 9.08 0.74
N VAL A 31 -19.36 8.92 1.34
CA VAL A 31 -18.70 7.62 1.36
C VAL A 31 -19.20 6.86 2.58
N GLN A 32 -19.56 5.61 2.37
CA GLN A 32 -19.87 4.74 3.48
C GLN A 32 -18.57 4.30 4.12
N VAL A 33 -18.47 4.54 5.43
CA VAL A 33 -17.23 4.35 6.16
C VAL A 33 -17.47 3.37 7.30
N ILE A 34 -17.01 2.12 7.17
CA ILE A 34 -17.26 1.08 8.18
C ILE A 34 -16.03 0.81 9.05
N PRO A 35 -16.14 1.09 10.36
CA PRO A 35 -15.01 0.93 11.24
C PRO A 35 -14.89 -0.51 11.69
N LYS A 36 -13.77 -1.12 11.37
CA LYS A 36 -13.47 -2.48 11.79
C LYS A 36 -11.98 -2.63 12.06
N GLN A 37 -11.64 -3.69 12.77
CA GLN A 37 -10.26 -4.07 12.92
C GLN A 37 -9.77 -4.76 11.65
N LEU A 38 -8.81 -4.12 10.99
CA LEU A 38 -8.19 -4.66 9.80
C LEU A 38 -6.86 -5.24 10.18
N PRO A 39 -6.34 -6.20 9.40
CA PRO A 39 -5.05 -6.73 9.77
C PRO A 39 -3.97 -5.65 9.77
N MET A 40 -4.06 -4.73 8.80
CA MET A 40 -3.01 -3.74 8.55
C MET A 40 -3.53 -2.47 7.87
N GLY A 41 -2.86 -1.35 8.08
CA GLY A 41 -3.19 -0.09 7.44
C GLY A 41 -4.46 0.51 8.01
N ASP A 42 -4.89 1.64 7.47
CA ASP A 42 -5.93 2.43 8.11
C ASP A 42 -7.17 2.49 7.31
N TYR A 43 -7.05 2.41 6.00
CA TYR A 43 -8.21 2.43 5.16
C TYR A 43 -8.13 1.36 4.10
N LEU A 44 -9.15 0.50 4.06
CA LEU A 44 -9.30 -0.44 2.97
C LEU A 44 -10.15 0.19 1.85
N VAL A 45 -9.54 0.40 0.70
CA VAL A 45 -10.16 1.18 -0.36
C VAL A 45 -10.83 0.34 -1.47
N SER A 46 -10.19 -0.72 -1.91
CA SER A 46 -10.77 -1.59 -2.90
C SER A 46 -10.13 -2.90 -2.52
N ASP A 47 -10.39 -3.98 -3.24
CA ASP A 47 -9.88 -5.30 -2.79
C ASP A 47 -8.35 -5.37 -2.76
N SER A 48 -7.69 -4.46 -3.46
CA SER A 48 -6.25 -4.55 -3.58
C SER A 48 -5.54 -3.22 -3.38
N ILE A 49 -6.24 -2.26 -2.80
CA ILE A 49 -5.66 -0.99 -2.41
C ILE A 49 -5.77 -0.74 -0.91
N ILE A 50 -4.63 -0.73 -0.22
CA ILE A 50 -4.63 -0.39 1.19
C ILE A 50 -4.03 1.01 1.33
N VAL A 51 -4.51 1.75 2.32
CA VAL A 51 -4.09 3.12 2.60
C VAL A 51 -3.63 3.20 4.05
N GLU A 52 -2.47 3.82 4.25
CA GLU A 52 -1.87 4.01 5.56
C GLU A 52 -1.79 5.50 5.68
N ARG A 53 -2.43 6.06 6.71
CA ARG A 53 -2.49 7.52 6.88
C ARG A 53 -1.49 7.92 7.93
N LYS A 54 -0.70 8.94 7.63
CA LYS A 54 0.32 9.42 8.55
C LYS A 54 0.46 10.93 8.46
N THR A 55 0.44 11.59 9.62
CA THR A 55 0.77 13.03 9.70
C THR A 55 2.24 13.21 9.34
N SER A 56 2.61 14.33 8.75
CA SER A 56 3.97 14.43 8.28
C SER A 56 4.92 14.08 9.41
N SER A 57 4.61 14.51 10.64
CA SER A 57 5.51 14.22 11.74
C SER A 57 5.56 12.74 12.19
N ASP A 58 4.43 12.04 12.22
CA ASP A 58 4.50 10.59 12.42
C ASP A 58 5.24 9.90 11.30
N PHE A 59 5.12 10.41 10.09
CA PHE A 59 5.97 9.87 9.05
C PHE A 59 7.41 9.93 9.50
N ALA A 60 7.84 11.13 9.91
CA ALA A 60 9.21 11.36 10.36
C ALA A 60 9.54 10.47 11.54
N LYS A 61 8.75 10.60 12.61
CA LYS A 61 8.96 9.84 13.84
C LYS A 61 9.25 8.37 13.54
N SER A 62 8.33 7.71 12.86
CA SER A 62 8.51 6.29 12.57
C SER A 62 9.68 5.98 11.63
N LEU A 63 10.11 6.92 10.78
CA LEU A 63 11.31 6.69 9.99
C LEU A 63 12.45 6.43 10.94
N PHE A 64 12.57 7.22 12.00
CA PHE A 64 13.70 7.09 12.90
C PHE A 64 13.49 6.04 13.98
N ASP A 65 12.24 5.70 14.31
CA ASP A 65 11.90 4.53 15.13
C ASP A 65 12.42 3.25 14.53
N GLY A 66 12.40 3.15 13.21
CA GLY A 66 12.54 1.86 12.56
C GLY A 66 11.18 1.28 12.24
N ARG A 67 10.14 1.79 12.92
CA ARG A 67 8.76 1.43 12.63
C ARG A 67 8.35 1.56 11.14
N LEU A 68 8.71 2.67 10.49
CA LEU A 68 8.25 2.95 9.13
C LEU A 68 8.47 1.87 8.09
N PHE A 69 9.70 1.38 7.96
CA PHE A 69 9.96 0.42 6.92
C PHE A 69 9.48 -1.01 7.24
N GLU A 70 9.23 -1.28 8.52
CA GLU A 70 8.70 -2.59 8.87
C GLU A 70 7.27 -2.57 8.40
N GLN A 71 6.52 -1.58 8.85
CA GLN A 71 5.17 -1.35 8.35
C GLN A 71 5.09 -1.31 6.84
N ALA A 72 6.10 -0.73 6.21
CA ALA A 72 6.08 -0.49 4.80
C ALA A 72 6.09 -1.78 4.05
N SER A 73 7.02 -2.64 4.41
CA SER A 73 7.22 -3.91 3.74
C SER A 73 6.07 -4.91 4.00
N ARG A 74 5.43 -4.82 5.16
CA ARG A 74 4.26 -5.61 5.41
C ARG A 74 3.17 -5.25 4.40
N LEU A 75 2.84 -3.97 4.33
CA LEU A 75 1.81 -3.50 3.43
C LEU A 75 2.09 -3.94 2.02
N ALA A 76 3.33 -3.81 1.59
CA ALA A 76 3.70 -4.11 0.22
C ALA A 76 3.64 -5.60 -0.10
N GLU A 77 3.83 -6.42 0.92
CA GLU A 77 3.72 -7.89 0.80
C GLU A 77 2.26 -8.32 0.63
N HIS A 78 1.34 -7.63 1.28
CA HIS A 78 -0.02 -8.11 1.34
C HIS A 78 -1.01 -7.46 0.37
N TYR A 79 -0.72 -6.26 -0.11
CA TYR A 79 -1.66 -5.63 -1.01
C TYR A 79 -0.99 -5.28 -2.26
N GLU A 80 -1.74 -5.26 -3.33
CA GLU A 80 -1.09 -5.11 -4.60
C GLU A 80 -0.69 -3.63 -4.86
N THR A 81 -1.34 -2.73 -4.12
CA THR A 81 -1.18 -1.31 -4.29
C THR A 81 -1.23 -0.70 -2.90
N VAL A 82 -0.16 -0.02 -2.53
CA VAL A 82 -0.07 0.58 -1.20
C VAL A 82 0.07 2.09 -1.32
N PHE A 83 -0.84 2.82 -0.70
CA PHE A 83 -0.71 4.27 -0.66
C PHE A 83 -0.39 4.63 0.73
N ILE A 84 0.70 5.36 0.92
CA ILE A 84 0.92 6.08 2.18
C ILE A 84 0.60 7.52 1.95
N ILE A 85 -0.31 8.04 2.75
CA ILE A 85 -0.73 9.41 2.59
C ILE A 85 -0.10 10.21 3.68
N VAL A 86 0.73 11.16 3.30
CA VAL A 86 1.39 12.01 4.29
C VAL A 86 0.66 13.34 4.43
N GLU A 87 0.12 13.53 5.63
CA GLU A 87 -0.72 14.66 5.94
C GLU A 87 0.04 15.79 6.64
N GLY A 88 0.15 16.94 5.97
CA GLY A 88 0.93 18.05 6.48
C GLY A 88 2.24 18.16 5.72
N PRO A 89 3.02 19.21 6.01
CA PRO A 89 4.23 19.49 5.25
C PRO A 89 5.19 18.34 5.32
N PRO A 90 5.75 17.98 4.18
CA PRO A 90 6.63 16.86 4.06
C PRO A 90 7.68 16.85 5.14
N VAL A 91 8.25 18.02 5.45
CA VAL A 91 9.27 18.16 6.50
C VAL A 91 8.73 19.13 7.56
N PRO A 92 8.35 18.60 8.71
CA PRO A 92 7.87 19.51 9.75
C PRO A 92 9.04 20.36 10.31
N ARG A 93 8.72 21.50 10.91
CA ARG A 93 9.76 22.36 11.54
C ARG A 93 10.76 21.50 12.37
N ARG A 94 10.25 20.88 13.43
CA ARG A 94 11.07 20.04 14.31
C ARG A 94 12.10 19.08 13.64
N TYR A 95 12.12 19.02 12.30
CA TYR A 95 12.89 17.99 11.56
C TYR A 95 13.77 18.51 10.43
N ARG A 96 13.87 19.84 10.33
CA ARG A 96 14.76 20.49 9.37
C ARG A 96 16.16 19.91 9.41
N GLY A 97 16.88 20.03 8.29
CA GLY A 97 18.29 19.62 8.30
C GLY A 97 18.39 18.11 8.23
N ARG A 98 17.53 17.41 8.99
CA ARG A 98 17.30 15.96 8.78
C ARG A 98 16.55 15.65 7.46
N GLU A 99 16.34 16.62 6.59
CA GLU A 99 15.63 16.40 5.31
C GLU A 99 16.26 15.38 4.37
N ARG A 100 17.59 15.25 4.41
CA ARG A 100 18.25 14.29 3.51
C ARG A 100 17.65 12.95 3.84
N SER A 101 17.46 12.66 5.13
CA SER A 101 16.80 11.45 5.57
C SER A 101 15.40 11.32 4.98
N LEU A 102 14.51 12.25 5.35
CA LEU A 102 13.11 12.16 5.00
C LEU A 102 12.88 11.87 3.50
N TYR A 103 13.39 12.75 2.64
CA TYR A 103 13.17 12.60 1.21
C TYR A 103 13.78 11.29 0.72
N ALA A 104 14.94 10.92 1.25
CA ALA A 104 15.57 9.65 0.88
C ALA A 104 14.65 8.48 1.21
N ALA A 105 14.03 8.52 2.38
CA ALA A 105 13.08 7.50 2.74
C ALA A 105 11.99 7.44 1.67
N MET A 106 11.39 8.59 1.39
CA MET A 106 10.32 8.67 0.42
C MET A 106 10.70 7.97 -0.87
N ALA A 107 11.86 8.34 -1.42
CA ALA A 107 12.36 7.72 -2.63
C ALA A 107 12.53 6.19 -2.52
N ALA A 108 12.91 5.71 -1.33
CA ALA A 108 13.10 4.26 -1.07
C ALA A 108 11.79 3.47 -0.92
N LEU A 109 10.84 4.00 -0.13
CA LEU A 109 9.52 3.41 -0.01
C LEU A 109 8.93 3.22 -1.39
N GLN A 110 9.24 4.16 -2.30
CA GLN A 110 8.72 4.18 -3.64
C GLN A 110 9.46 3.22 -4.56
N LEU A 111 10.77 3.16 -4.50
CA LEU A 111 11.52 2.30 -5.41
C LEU A 111 11.75 0.89 -4.90
N ASP A 112 11.91 0.75 -3.59
CA ASP A 112 12.24 -0.54 -3.00
C ASP A 112 11.04 -1.50 -2.90
N TYR A 113 9.89 -1.00 -2.47
CA TYR A 113 8.73 -1.84 -2.40
C TYR A 113 7.52 -1.33 -3.21
N GLY A 114 7.77 -0.49 -4.21
CA GLY A 114 6.70 0.10 -5.00
C GLY A 114 5.57 0.85 -4.29
N ILE A 115 5.76 1.25 -3.02
CA ILE A 115 4.71 1.96 -2.30
C ILE A 115 4.48 3.26 -3.02
N ARG A 116 3.29 3.82 -2.85
CA ARG A 116 2.87 5.07 -3.51
C ARG A 116 2.57 6.14 -2.47
N LEU A 117 3.09 7.34 -2.71
CA LEU A 117 2.96 8.43 -1.73
C LEU A 117 2.04 9.47 -2.25
N MET A 118 1.18 10.00 -1.38
CA MET A 118 0.42 11.20 -1.66
C MET A 118 0.71 12.14 -0.51
N ASN A 119 0.92 13.42 -0.81
CA ASN A 119 1.00 14.39 0.27
C ASN A 119 -0.30 15.20 0.39
N THR A 120 -0.95 15.17 1.55
CA THR A 120 -2.13 16.02 1.74
C THR A 120 -1.85 17.20 2.71
N MET A 121 -2.68 18.23 2.71
CA MET A 121 -2.45 19.34 3.63
C MET A 121 -3.09 19.22 4.99
N ASP A 122 -4.24 18.57 5.05
CA ASP A 122 -5.01 18.45 6.26
C ASP A 122 -5.80 17.20 6.07
N PRO A 123 -6.50 16.72 7.12
CA PRO A 123 -7.48 15.63 7.04
C PRO A 123 -8.43 15.67 5.82
N LYS A 124 -9.03 16.83 5.55
CA LYS A 124 -9.95 17.00 4.43
C LYS A 124 -9.27 16.58 3.13
N GLY A 125 -7.99 16.89 3.02
CA GLY A 125 -7.24 16.49 1.85
C GLY A 125 -7.10 14.98 1.76
N THR A 126 -6.81 14.37 2.91
CA THR A 126 -6.66 12.92 2.99
C THR A 126 -8.00 12.27 2.66
N ALA A 127 -9.05 12.84 3.25
CA ALA A 127 -10.41 12.42 3.00
C ALA A 127 -10.80 12.56 1.52
N LEU A 128 -10.33 13.60 0.85
CA LEU A 128 -10.57 13.71 -0.57
C LEU A 128 -9.80 12.66 -1.38
N VAL A 129 -8.54 12.44 -1.05
CA VAL A 129 -7.70 11.52 -1.78
C VAL A 129 -8.24 10.12 -1.61
N ILE A 130 -8.64 9.78 -0.38
CA ILE A 130 -9.19 8.45 -0.14
C ILE A 130 -10.45 8.29 -0.97
N GLU A 131 -11.31 9.30 -0.94
CA GLU A 131 -12.59 9.22 -1.63
C GLU A 131 -12.42 9.08 -3.14
N SER A 132 -11.40 9.72 -3.69
CA SER A 132 -11.17 9.70 -5.12
C SER A 132 -10.63 8.34 -5.55
N LEU A 133 -9.74 7.78 -4.74
CA LEU A 133 -9.18 6.47 -4.94
C LEU A 133 -10.28 5.41 -4.92
N ALA A 134 -11.11 5.45 -3.87
CA ALA A 134 -12.30 4.63 -3.77
C ALA A 134 -13.10 4.65 -5.04
N ARG A 135 -13.38 5.84 -5.58
CA ARG A 135 -14.17 5.96 -6.78
C ARG A 135 -13.42 5.45 -7.98
N LEU A 136 -12.20 5.92 -8.15
CA LEU A 136 -11.46 5.58 -9.35
C LEU A 136 -11.24 4.10 -9.55
N SER A 137 -11.14 3.35 -8.47
CA SER A 137 -10.59 1.99 -8.50
C SER A 137 -11.69 0.99 -8.61
N THR A 138 -12.86 1.41 -8.16
CA THR A 138 -14.14 0.85 -8.53
C THR A 138 -14.15 1.22 -10.02
N ARG A 139 -15.20 1.23 -10.80
CA ARG A 139 -14.99 1.50 -12.26
C ARG A 139 -14.56 0.24 -12.98
N GLU A 140 -15.39 -0.20 -13.92
CA GLU A 140 -15.22 -1.43 -14.67
C GLU A 140 -15.23 -1.00 -16.10
N GLY A 141 -14.44 -1.65 -16.92
CA GLY A 141 -13.77 -0.90 -17.96
C GLY A 141 -14.39 -0.99 -19.28
N GLY A 142 -13.93 -0.15 -20.19
CA GLY A 142 -14.56 -0.05 -21.48
C GLY A 142 -13.83 -0.81 -22.55
N GLN A 143 -13.27 -0.07 -23.51
CA GLN A 143 -12.70 -0.61 -24.74
C GLN A 143 -11.73 -1.73 -24.48
N ARG A 144 -12.17 -2.95 -24.81
CA ARG A 144 -11.36 -4.18 -24.72
C ARG A 144 -10.97 -4.57 -23.30
N ILE A 145 -11.79 -4.16 -22.33
CA ILE A 145 -11.51 -4.40 -20.92
C ILE A 145 -12.61 -5.29 -20.37
N VAL A 146 -12.23 -6.48 -19.92
CA VAL A 146 -13.21 -7.46 -19.46
C VAL A 146 -13.64 -6.94 -18.13
N ILE A 147 -14.86 -7.26 -17.70
CA ILE A 147 -15.30 -6.96 -16.34
C ILE A 147 -15.37 -8.30 -15.61
N HIS A 148 -14.67 -8.48 -14.51
CA HIS A 148 -14.75 -9.71 -13.75
C HIS A 148 -15.75 -9.55 -12.66
N LYS A 149 -16.25 -10.66 -12.13
CA LYS A 149 -17.08 -10.64 -10.95
C LYS A 149 -16.14 -10.38 -9.75
N LYS A 150 -16.51 -9.45 -8.87
CA LYS A 150 -15.54 -9.00 -7.89
C LYS A 150 -16.04 -9.35 -6.49
N PRO A 151 -15.15 -9.88 -5.64
CA PRO A 151 -15.56 -10.16 -4.27
C PRO A 151 -15.92 -8.86 -3.57
N ARG A 152 -17.11 -8.84 -2.96
CA ARG A 152 -17.58 -7.81 -2.05
C ARG A 152 -16.50 -7.47 -1.02
N LEU A 153 -16.33 -6.17 -0.76
CA LEU A 153 -15.30 -5.68 0.14
C LEU A 153 -15.64 -6.06 1.56
N SER A 154 -14.76 -6.79 2.25
CA SER A 154 -14.90 -6.98 3.71
C SER A 154 -13.60 -7.18 4.47
N ASP A 155 -13.67 -6.86 5.76
CA ASP A 155 -12.57 -7.01 6.70
C ASP A 155 -12.34 -8.49 6.91
N VAL A 156 -13.42 -9.26 6.99
CA VAL A 156 -13.31 -10.70 7.22
C VAL A 156 -12.54 -11.38 6.09
N ARG A 157 -12.85 -11.01 4.86
CA ARG A 157 -12.07 -11.50 3.74
C ARG A 157 -10.60 -11.08 3.84
N GLU A 158 -10.34 -9.87 4.34
CA GLU A 158 -8.97 -9.37 4.40
C GLU A 158 -8.11 -10.24 5.31
N TRP A 159 -8.67 -10.56 6.47
CA TRP A 159 -8.04 -11.46 7.40
C TRP A 159 -7.95 -12.85 6.84
N GLN A 160 -8.98 -13.30 6.13
CA GLN A 160 -8.85 -14.62 5.51
C GLN A 160 -7.64 -14.66 4.61
N LEU A 161 -7.39 -13.54 3.93
CA LEU A 161 -6.25 -13.41 3.03
C LEU A 161 -4.92 -13.20 3.76
N TYR A 162 -4.97 -12.52 4.89
CA TYR A 162 -3.78 -12.27 5.69
C TYR A 162 -3.29 -13.58 6.28
N ILE A 163 -4.23 -14.41 6.68
CA ILE A 163 -3.94 -15.71 7.26
C ILE A 163 -3.35 -16.62 6.19
N LEU A 164 -4.00 -16.75 5.05
CA LEU A 164 -3.39 -17.51 3.96
C LEU A 164 -1.98 -17.01 3.60
N GLN A 165 -1.75 -15.68 3.58
CA GLN A 165 -0.42 -15.10 3.16
C GLN A 165 0.74 -15.49 4.08
N SER A 166 0.42 -15.74 5.35
CA SER A 166 1.40 -16.12 6.33
C SER A 166 2.04 -17.48 6.07
N PHE A 167 1.48 -18.26 5.16
CA PHE A 167 2.08 -19.54 4.79
C PHE A 167 3.23 -19.33 3.82
N PRO A 168 4.23 -20.22 3.87
CA PRO A 168 5.30 -20.22 2.90
C PRO A 168 4.69 -20.52 1.54
N GLY A 169 5.24 -19.98 0.46
CA GLY A 169 4.71 -20.21 -0.88
C GLY A 169 3.41 -19.46 -1.16
N ILE A 170 2.65 -19.17 -0.11
CA ILE A 170 1.38 -18.46 -0.31
C ILE A 170 1.52 -16.92 -0.19
N GLY A 171 1.39 -16.25 -1.34
CA GLY A 171 1.41 -14.79 -1.42
C GLY A 171 0.08 -14.13 -1.77
N ARG A 172 0.13 -12.99 -2.45
CA ARG A 172 -1.09 -12.22 -2.77
C ARG A 172 -2.10 -12.95 -3.64
N ARG A 173 -1.63 -13.51 -4.76
CA ARG A 173 -2.48 -13.98 -5.86
C ARG A 173 -3.00 -15.33 -5.49
N THR A 174 -2.09 -16.14 -4.98
CA THR A 174 -2.42 -17.49 -4.57
C THR A 174 -3.45 -17.49 -3.44
N ALA A 175 -3.30 -16.59 -2.46
CA ALA A 175 -4.23 -16.50 -1.36
C ALA A 175 -5.60 -16.28 -1.94
N GLU A 176 -5.71 -15.39 -2.93
CA GLU A 176 -7.00 -15.12 -3.58
C GLU A 176 -7.58 -16.37 -4.23
N ARG A 177 -6.80 -16.98 -5.10
CA ARG A 177 -7.16 -18.22 -5.77
C ARG A 177 -7.57 -19.31 -4.79
N ILE A 178 -6.89 -19.40 -3.65
CA ILE A 178 -7.22 -20.41 -2.67
C ILE A 178 -8.63 -20.15 -2.17
N LEU A 179 -9.01 -18.90 -2.01
CA LEU A 179 -10.35 -18.65 -1.58
C LEU A 179 -11.44 -18.92 -2.60
N GLU A 180 -11.15 -18.70 -3.89
CA GLU A 180 -12.20 -18.81 -4.91
C GLU A 180 -12.52 -20.29 -5.06
N ARG A 181 -11.47 -21.11 -5.04
CA ARG A 181 -11.55 -22.57 -5.02
C ARG A 181 -12.38 -23.13 -3.90
N PHE A 182 -11.84 -23.03 -2.69
CA PHE A 182 -12.32 -23.76 -1.55
C PHE A 182 -13.52 -23.08 -0.89
N GLY A 183 -13.66 -21.79 -1.18
CA GLY A 183 -14.73 -20.99 -0.61
C GLY A 183 -14.58 -20.66 0.85
N SER A 184 -13.60 -21.23 1.52
CA SER A 184 -13.53 -21.12 2.98
C SER A 184 -12.12 -21.44 3.42
N LEU A 185 -11.67 -20.89 4.54
CA LEU A 185 -10.33 -21.24 5.05
C LEU A 185 -10.33 -22.69 5.52
N GLU A 186 -11.40 -23.02 6.22
CA GLU A 186 -11.47 -24.29 6.90
C GLU A 186 -11.63 -25.47 5.96
N ARG A 187 -12.42 -25.31 4.91
CA ARG A 187 -12.39 -26.26 3.81
C ARG A 187 -10.97 -26.39 3.24
N PHE A 188 -10.26 -25.27 3.12
CA PHE A 188 -8.90 -25.31 2.57
C PHE A 188 -7.92 -26.01 3.49
N PHE A 189 -8.04 -25.72 4.79
CA PHE A 189 -7.16 -26.26 5.82
C PHE A 189 -7.35 -27.75 6.04
N THR A 190 -8.10 -28.38 5.15
CA THR A 190 -8.64 -29.69 5.37
C THR A 190 -8.40 -30.52 4.15
N ALA A 191 -8.05 -29.86 3.05
CA ALA A 191 -7.80 -30.59 1.81
C ALA A 191 -6.50 -31.39 1.85
N SER A 192 -6.29 -32.14 0.78
CA SER A 192 -5.17 -33.06 0.70
C SER A 192 -4.08 -32.50 -0.21
N LYS A 193 -2.81 -32.84 0.06
CA LYS A 193 -1.70 -32.57 -0.86
C LYS A 193 -2.24 -32.43 -2.30
N ALA A 194 -2.96 -33.45 -2.77
CA ALA A 194 -3.50 -33.47 -4.14
C ALA A 194 -4.34 -32.24 -4.47
N GLU A 195 -5.20 -31.87 -3.53
CA GLU A 195 -6.29 -30.95 -3.82
C GLU A 195 -5.82 -29.51 -3.75
N ILE A 196 -4.90 -29.28 -2.82
CA ILE A 196 -4.16 -28.06 -2.66
C ILE A 196 -3.20 -27.79 -3.82
N SER A 197 -2.77 -28.80 -4.56
CA SER A 197 -1.87 -28.56 -5.67
C SER A 197 -2.65 -28.25 -6.92
N LYS A 198 -3.96 -28.52 -6.86
CA LYS A 198 -4.86 -28.22 -7.98
C LYS A 198 -4.81 -26.72 -8.28
N VAL A 199 -4.79 -25.91 -7.22
CA VAL A 199 -4.55 -24.45 -7.29
C VAL A 199 -3.44 -23.99 -8.25
N GLU A 200 -3.79 -23.09 -9.17
CA GLU A 200 -2.80 -22.44 -10.06
C GLU A 200 -1.75 -21.68 -9.24
N GLY A 201 -0.48 -22.02 -9.44
CA GLY A 201 0.62 -21.40 -8.68
C GLY A 201 1.25 -22.22 -7.56
N ILE A 202 0.59 -23.30 -7.13
CA ILE A 202 1.13 -24.18 -6.10
C ILE A 202 1.50 -25.52 -6.71
N GLY A 203 2.69 -26.02 -6.34
CA GLY A 203 3.15 -27.35 -6.76
C GLY A 203 3.27 -28.34 -5.60
N GLU A 204 3.34 -29.64 -5.93
CA GLU A 204 3.64 -30.71 -4.95
C GLU A 204 4.54 -30.19 -3.81
N LYS A 205 5.71 -29.62 -4.13
CA LYS A 205 6.63 -29.13 -3.09
C LYS A 205 5.95 -28.15 -2.09
N ARG A 206 5.29 -27.12 -2.60
CA ARG A 206 4.64 -26.16 -1.72
C ARG A 206 3.42 -26.78 -1.00
N ALA A 207 2.74 -27.70 -1.69
CA ALA A 207 1.60 -28.39 -1.13
C ALA A 207 2.04 -29.22 0.06
N GLU A 208 3.12 -29.99 -0.12
CA GLU A 208 3.72 -30.81 0.94
C GLU A 208 4.02 -29.92 2.14
N GLU A 209 4.72 -28.81 1.90
CA GLU A 209 5.08 -27.89 2.97
C GLU A 209 3.82 -27.46 3.78
N ILE A 210 2.75 -27.15 3.05
CA ILE A 210 1.53 -26.60 3.64
C ILE A 210 0.89 -27.66 4.51
N LYS A 211 0.64 -28.82 3.89
CA LYS A 211 0.10 -29.97 4.59
C LYS A 211 0.93 -30.28 5.82
N LYS A 212 2.25 -30.44 5.65
CA LYS A 212 3.12 -30.77 6.77
C LYS A 212 2.90 -29.76 7.88
N ILE A 213 2.75 -28.47 7.55
CA ILE A 213 2.49 -27.48 8.60
C ILE A 213 1.13 -27.65 9.29
N LEU A 214 0.12 -27.98 8.50
CA LEU A 214 -1.22 -28.09 8.99
C LEU A 214 -1.36 -29.25 9.95
N MET A 215 -0.49 -30.25 9.80
CA MET A 215 -0.67 -31.56 10.46
C MET A 215 0.40 -31.97 11.47
N THR A 216 1.64 -31.57 11.29
CA THR A 216 2.68 -32.00 12.21
C THR A 216 2.40 -31.59 13.67
N PRO A 217 2.16 -32.57 14.56
CA PRO A 217 1.90 -32.35 15.98
C PRO A 217 2.93 -31.49 16.68
N TYR A 218 2.53 -30.84 17.74
CA TYR A 218 3.35 -29.87 18.36
C TYR A 218 3.89 -30.46 19.65
N LYS A 219 5.18 -30.80 19.66
CA LYS A 219 5.92 -31.19 20.88
C LYS A 219 6.20 -29.99 21.82
N ARG B 8 29.33 7.21 -7.81
CA ARG B 8 28.87 8.52 -8.38
C ARG B 8 27.67 8.37 -9.35
N PRO B 9 26.47 8.64 -8.82
CA PRO B 9 25.23 8.71 -9.57
C PRO B 9 25.34 9.72 -10.73
N ARG B 10 24.85 9.33 -11.91
CA ARG B 10 24.69 10.24 -13.03
C ARG B 10 23.19 10.54 -13.20
N VAL B 11 22.83 11.75 -13.61
CA VAL B 11 21.46 12.03 -14.07
C VAL B 11 21.54 13.02 -15.21
N TYR B 12 20.76 12.77 -16.25
CA TYR B 12 20.69 13.67 -17.37
C TYR B 12 19.61 14.70 -17.12
N VAL B 13 19.95 15.96 -17.33
CA VAL B 13 19.03 17.04 -17.19
C VAL B 13 18.66 17.55 -18.56
N ASP B 14 17.38 17.80 -18.79
CA ASP B 14 16.96 18.30 -20.08
C ASP B 14 17.44 19.74 -20.21
N VAL B 15 17.93 20.08 -21.38
CA VAL B 15 18.31 21.45 -21.66
C VAL B 15 17.34 22.50 -21.06
N ARG B 16 16.04 22.35 -21.28
CA ARG B 16 15.13 23.42 -20.89
C ARG B 16 14.86 23.48 -19.40
N GLU B 17 15.34 22.48 -18.66
CA GLU B 17 15.23 22.51 -17.21
C GLU B 17 16.41 23.28 -16.60
N GLU B 18 17.39 23.57 -17.45
CA GLU B 18 18.69 24.05 -16.98
C GLU B 18 18.69 25.44 -16.36
N ARG B 19 17.62 26.19 -16.59
CA ARG B 19 17.33 27.44 -15.87
C ARG B 19 16.85 27.17 -14.44
N SER B 20 16.46 25.94 -14.17
CA SER B 20 15.94 25.57 -12.85
C SER B 20 17.01 25.76 -11.77
N PRO B 21 16.59 26.09 -10.54
CA PRO B 21 17.60 26.10 -9.48
C PRO B 21 18.10 24.73 -9.12
N VAL B 22 17.36 23.68 -9.49
CA VAL B 22 17.63 22.37 -8.95
C VAL B 22 18.99 21.79 -9.29
N PRO B 23 19.36 21.79 -10.58
CA PRO B 23 20.58 21.05 -10.96
C PRO B 23 21.84 21.51 -10.25
N SER B 24 21.93 22.79 -9.92
CA SER B 24 23.09 23.28 -9.24
C SER B 24 23.18 22.54 -7.93
N ILE B 25 22.10 22.50 -7.16
CA ILE B 25 22.09 21.74 -5.89
C ILE B 25 22.46 20.29 -6.14
N LEU B 26 21.89 19.68 -7.17
CA LEU B 26 22.33 18.34 -7.49
C LEU B 26 23.87 18.25 -7.57
N GLU B 27 24.49 19.02 -8.48
CA GLU B 27 25.95 19.05 -8.63
C GLU B 27 26.61 19.00 -7.27
N SER B 28 26.23 19.93 -6.40
CA SER B 28 26.89 20.03 -5.11
C SER B 28 26.39 19.00 -4.08
N LEU B 29 26.03 17.81 -4.54
CA LEU B 29 25.72 16.66 -3.67
C LEU B 29 26.38 15.45 -4.31
N GLY B 30 27.22 15.72 -5.31
CA GLY B 30 28.03 14.67 -5.89
C GLY B 30 27.40 13.97 -7.06
N VAL B 31 26.24 14.47 -7.48
CA VAL B 31 25.54 13.85 -8.57
C VAL B 31 26.13 14.40 -9.85
N GLN B 32 26.43 13.52 -10.79
CA GLN B 32 27.00 13.99 -12.04
C GLN B 32 25.89 14.54 -12.93
N VAL B 33 25.79 15.87 -13.03
CA VAL B 33 24.71 16.45 -13.84
C VAL B 33 25.11 16.59 -15.31
N ILE B 34 24.43 15.87 -16.19
CA ILE B 34 24.77 15.91 -17.62
C ILE B 34 23.62 16.40 -18.50
N PRO B 35 23.82 17.47 -19.27
CA PRO B 35 22.68 17.90 -20.07
C PRO B 35 22.49 17.04 -21.32
N LYS B 36 21.30 16.50 -21.47
CA LYS B 36 20.94 15.83 -22.70
C LYS B 36 19.71 16.54 -23.24
N GLN B 37 19.29 16.16 -24.43
CA GLN B 37 18.22 16.84 -25.16
C GLN B 37 17.03 15.88 -25.03
N LEU B 38 16.24 16.02 -23.96
CA LEU B 38 15.32 14.92 -23.59
C LEU B 38 14.03 14.82 -24.40
N PRO B 39 13.61 13.60 -24.75
CA PRO B 39 12.42 13.43 -25.57
C PRO B 39 11.19 13.99 -24.84
N MET B 40 11.13 13.77 -23.52
CA MET B 40 10.25 14.52 -22.61
C MET B 40 10.80 14.41 -21.18
N GLY B 41 10.22 15.17 -20.25
CA GLY B 41 10.63 15.06 -18.87
C GLY B 41 11.70 16.07 -18.50
N ASP B 42 12.05 16.11 -17.21
CA ASP B 42 13.00 17.09 -16.72
C ASP B 42 14.34 16.47 -16.31
N TYR B 43 14.32 15.29 -15.70
CA TYR B 43 15.57 14.65 -15.31
C TYR B 43 15.50 13.20 -15.68
N LEU B 44 16.46 12.69 -16.44
CA LEU B 44 16.50 11.27 -16.73
C LEU B 44 17.37 10.55 -15.72
N VAL B 45 16.76 9.76 -14.85
CA VAL B 45 17.43 9.09 -13.71
C VAL B 45 17.98 7.72 -14.05
N SER B 46 17.39 7.08 -15.05
CA SER B 46 17.93 5.88 -15.68
C SER B 46 17.05 5.70 -16.93
N ASP B 47 17.32 4.68 -17.75
CA ASP B 47 16.54 4.53 -18.99
C ASP B 47 15.08 4.29 -18.66
N SER B 48 14.86 3.60 -17.55
CA SER B 48 13.55 3.20 -17.07
C SER B 48 12.85 4.39 -16.38
N ILE B 49 13.61 5.25 -15.69
CA ILE B 49 13.04 6.23 -14.75
C ILE B 49 13.16 7.70 -15.18
N ILE B 50 12.03 8.33 -15.46
CA ILE B 50 12.01 9.75 -15.76
C ILE B 50 11.34 10.57 -14.67
N VAL B 51 11.88 11.76 -14.46
CA VAL B 51 11.35 12.69 -13.47
C VAL B 51 10.79 13.91 -14.17
N GLU B 52 9.65 14.35 -13.66
CA GLU B 52 8.98 15.55 -14.13
C GLU B 52 8.88 16.49 -12.94
N ARG B 53 9.40 17.70 -13.09
CA ARG B 53 9.39 18.63 -11.98
C ARG B 53 8.48 19.74 -12.33
N LYS B 54 7.48 19.97 -11.49
CA LYS B 54 6.55 21.05 -11.67
C LYS B 54 6.40 21.78 -10.35
N THR B 55 6.34 23.11 -10.42
CA THR B 55 5.99 23.85 -9.19
C THR B 55 4.54 23.58 -8.90
N SER B 56 4.18 23.73 -7.64
CA SER B 56 2.86 23.42 -7.22
C SER B 56 1.78 24.12 -8.05
N SER B 57 1.96 25.40 -8.29
CA SER B 57 0.97 26.13 -9.07
C SER B 57 1.13 25.94 -10.56
N ASP B 58 2.28 25.45 -11.00
CA ASP B 58 2.36 24.91 -12.36
C ASP B 58 1.56 23.63 -12.50
N PHE B 59 1.68 22.72 -11.54
CA PHE B 59 0.89 21.49 -11.52
C PHE B 59 -0.58 21.89 -11.69
N ALA B 60 -1.07 22.69 -10.75
CA ALA B 60 -2.42 23.25 -10.81
C ALA B 60 -2.81 23.94 -12.13
N LYS B 61 -1.97 24.84 -12.61
CA LYS B 61 -2.28 25.57 -13.84
C LYS B 61 -2.55 24.51 -14.93
N SER B 62 -1.71 23.50 -14.99
CA SER B 62 -1.76 22.58 -16.10
C SER B 62 -2.83 21.52 -15.89
N LEU B 63 -3.19 21.26 -14.62
CA LEU B 63 -4.39 20.47 -14.32
C LEU B 63 -5.57 21.11 -15.04
N PHE B 64 -5.77 22.40 -14.81
CA PHE B 64 -6.93 23.09 -15.34
C PHE B 64 -6.83 23.41 -16.84
N ASP B 65 -5.62 23.42 -17.43
CA ASP B 65 -5.50 23.55 -18.91
C ASP B 65 -5.80 22.26 -19.57
N GLY B 66 -5.55 21.17 -18.87
CA GLY B 66 -5.58 19.88 -19.51
C GLY B 66 -4.24 19.50 -20.13
N ARG B 67 -3.21 20.32 -19.93
CA ARG B 67 -1.86 19.93 -20.32
C ARG B 67 -1.29 18.83 -19.41
N LEU B 68 -1.56 18.89 -18.12
CA LEU B 68 -0.96 17.92 -17.17
C LEU B 68 -1.26 16.50 -17.61
N PHE B 69 -2.54 16.27 -17.91
CA PHE B 69 -2.93 14.94 -18.30
C PHE B 69 -2.42 14.56 -19.67
N GLU B 70 -2.20 15.55 -20.54
CA GLU B 70 -1.57 15.24 -21.81
C GLU B 70 -0.11 14.89 -21.68
N GLN B 71 0.54 15.54 -20.73
CA GLN B 71 1.94 15.29 -20.49
C GLN B 71 2.10 13.95 -19.81
N ALA B 72 1.18 13.69 -18.87
CA ALA B 72 1.16 12.45 -18.10
C ALA B 72 1.13 11.28 -19.06
N SER B 73 0.22 11.37 -20.01
CA SER B 73 0.11 10.44 -21.12
C SER B 73 1.43 10.09 -21.81
N ARG B 74 2.17 11.08 -22.30
CA ARG B 74 3.44 10.84 -23.01
C ARG B 74 4.56 10.30 -22.11
N LEU B 75 4.69 10.87 -20.91
CA LEU B 75 5.57 10.32 -19.94
C LEU B 75 5.27 8.83 -19.79
N ALA B 76 4.01 8.49 -19.53
CA ALA B 76 3.65 7.11 -19.17
C ALA B 76 3.88 6.13 -20.31
N GLU B 77 3.56 6.54 -21.52
CA GLU B 77 3.73 5.71 -22.72
C GLU B 77 5.23 5.51 -23.04
N HIS B 78 6.03 6.55 -22.85
CA HIS B 78 7.41 6.45 -23.28
C HIS B 78 8.38 5.95 -22.19
N TYR B 79 7.96 5.85 -20.92
CA TYR B 79 8.85 5.39 -19.83
C TYR B 79 8.19 4.42 -18.85
N GLU B 80 8.93 3.39 -18.41
CA GLU B 80 8.36 2.41 -17.46
C GLU B 80 7.94 3.06 -16.13
N THR B 81 8.77 3.92 -15.56
CA THR B 81 8.47 4.51 -14.28
C THR B 81 8.48 6.03 -14.45
N VAL B 82 7.48 6.70 -13.89
CA VAL B 82 7.36 8.13 -14.06
C VAL B 82 7.14 8.79 -12.73
N PHE B 83 7.99 9.76 -12.41
CA PHE B 83 7.79 10.60 -11.21
C PHE B 83 7.41 12.01 -11.59
N ILE B 84 6.45 12.58 -10.89
CA ILE B 84 6.21 14.01 -11.00
C ILE B 84 6.51 14.51 -9.62
N ILE B 85 7.54 15.35 -9.50
CA ILE B 85 7.87 15.97 -8.22
C ILE B 85 7.21 17.33 -8.21
N VAL B 86 6.30 17.54 -7.27
CA VAL B 86 5.54 18.76 -7.20
C VAL B 86 6.11 19.58 -6.08
N GLU B 87 6.74 20.70 -6.45
CA GLU B 87 7.51 21.50 -5.50
C GLU B 87 6.62 22.60 -4.91
N GLY B 88 6.36 22.54 -3.61
CA GLY B 88 5.51 23.54 -2.96
C GLY B 88 4.30 22.88 -2.33
N PRO B 89 3.48 23.65 -1.60
CA PRO B 89 2.28 22.99 -1.04
C PRO B 89 1.35 22.47 -2.16
N PRO B 90 0.72 21.31 -1.92
CA PRO B 90 -0.18 20.67 -2.87
C PRO B 90 -1.30 21.60 -3.33
N VAL B 91 -1.84 22.39 -2.41
CA VAL B 91 -2.90 23.32 -2.74
C VAL B 91 -2.42 24.75 -2.55
N PRO B 92 -1.89 25.38 -3.62
CA PRO B 92 -1.48 26.77 -3.55
C PRO B 92 -2.67 27.64 -3.19
N ARG B 93 -2.44 28.81 -2.59
CA ARG B 93 -3.55 29.72 -2.24
C ARG B 93 -4.54 29.99 -3.41
N ARG B 94 -4.01 30.30 -4.60
CA ARG B 94 -4.83 30.53 -5.80
C ARG B 94 -5.93 29.48 -5.98
N TYR B 95 -5.81 28.34 -5.29
CA TYR B 95 -6.65 27.20 -5.60
C TYR B 95 -7.34 26.55 -4.43
N ARG B 96 -7.13 27.11 -3.25
CA ARG B 96 -8.00 26.84 -2.10
C ARG B 96 -9.43 26.94 -2.62
N GLY B 97 -10.22 25.87 -2.52
CA GLY B 97 -11.60 25.97 -3.01
C GLY B 97 -11.79 25.19 -4.28
N ARG B 98 -10.68 24.73 -4.85
CA ARG B 98 -10.74 23.71 -5.87
C ARG B 98 -9.91 22.49 -5.46
N GLU B 99 -9.69 22.28 -4.17
CA GLU B 99 -8.85 21.17 -3.77
C GLU B 99 -9.35 19.83 -4.21
N ARG B 100 -10.68 19.66 -4.19
CA ARG B 100 -11.30 18.41 -4.58
C ARG B 100 -10.80 18.06 -5.96
N SER B 101 -10.66 19.07 -6.80
CA SER B 101 -10.21 18.88 -8.15
C SER B 101 -8.75 18.52 -8.21
N LEU B 102 -7.98 19.01 -7.24
CA LEU B 102 -6.54 18.78 -7.25
C LEU B 102 -6.17 17.35 -6.83
N TYR B 103 -6.71 16.95 -5.68
CA TYR B 103 -6.44 15.66 -5.12
C TYR B 103 -6.97 14.55 -6.00
N ALA B 104 -8.14 14.79 -6.58
CA ALA B 104 -8.70 13.86 -7.53
C ALA B 104 -7.77 13.64 -8.72
N ALA B 105 -7.11 14.68 -9.17
CA ALA B 105 -6.16 14.54 -10.25
C ALA B 105 -4.94 13.80 -9.78
N MET B 106 -4.63 13.92 -8.49
CA MET B 106 -3.49 13.20 -7.97
C MET B 106 -3.81 11.73 -7.89
N ALA B 107 -5.06 11.42 -7.51
CA ALA B 107 -5.55 10.06 -7.47
C ALA B 107 -5.56 9.41 -8.87
N ALA B 108 -6.08 10.15 -9.85
CA ALA B 108 -6.13 9.72 -11.24
C ALA B 108 -4.74 9.57 -11.83
N LEU B 109 -3.80 10.41 -11.43
CA LEU B 109 -2.48 10.26 -12.01
C LEU B 109 -1.89 8.93 -11.56
N GLN B 110 -2.07 8.58 -10.30
CA GLN B 110 -1.54 7.31 -9.80
C GLN B 110 -2.28 6.02 -10.22
N LEU B 111 -3.61 5.97 -10.08
CA LEU B 111 -4.34 4.77 -10.48
C LEU B 111 -4.54 4.56 -11.98
N ASP B 112 -4.74 5.61 -12.77
CA ASP B 112 -4.91 5.42 -14.22
C ASP B 112 -3.69 5.62 -15.07
N TYR B 113 -2.61 6.14 -14.53
CA TYR B 113 -1.42 6.39 -15.36
C TYR B 113 -0.25 5.75 -14.72
N GLY B 114 -0.41 5.37 -13.46
CA GLY B 114 0.62 4.65 -12.76
C GLY B 114 1.70 5.56 -12.30
N ILE B 115 1.58 6.83 -12.65
CA ILE B 115 2.54 7.84 -12.29
C ILE B 115 2.71 7.99 -10.78
N ARG B 116 3.94 8.24 -10.35
CA ARG B 116 4.22 8.42 -8.94
C ARG B 116 4.49 9.86 -8.59
N LEU B 117 3.95 10.31 -7.49
CA LEU B 117 4.11 11.68 -7.10
C LEU B 117 5.04 11.82 -5.92
N MET B 118 5.80 12.89 -5.88
CA MET B 118 6.43 13.26 -4.64
C MET B 118 5.97 14.67 -4.39
N ASN B 119 5.97 15.08 -3.14
CA ASN B 119 5.80 16.48 -2.85
C ASN B 119 7.00 16.97 -2.05
N THR B 120 7.75 17.90 -2.61
CA THR B 120 8.86 18.52 -1.90
C THR B 120 8.45 19.94 -1.52
N MET B 121 9.21 20.57 -0.63
CA MET B 121 8.87 21.90 -0.15
C MET B 121 9.59 23.01 -0.87
N ASP B 122 10.61 22.67 -1.64
CA ASP B 122 11.44 23.65 -2.33
C ASP B 122 12.45 22.93 -3.19
N PRO B 123 13.31 23.68 -3.92
CA PRO B 123 14.28 23.05 -4.81
C PRO B 123 15.24 22.13 -4.05
N LYS B 124 15.57 22.50 -2.82
CA LYS B 124 16.45 21.66 -2.02
C LYS B 124 15.88 20.22 -1.95
N GLY B 125 14.63 20.08 -1.46
CA GLY B 125 13.95 18.78 -1.44
C GLY B 125 13.92 18.07 -2.81
N THR B 126 13.51 18.78 -3.85
CA THR B 126 13.44 18.18 -5.15
C THR B 126 14.78 17.57 -5.51
N ALA B 127 15.85 18.28 -5.21
CA ALA B 127 17.18 17.81 -5.59
C ALA B 127 17.58 16.64 -4.68
N LEU B 128 17.18 16.71 -3.42
CA LEU B 128 17.37 15.60 -2.50
C LEU B 128 16.67 14.34 -2.99
N VAL B 129 15.43 14.51 -3.47
CA VAL B 129 14.63 13.39 -3.93
C VAL B 129 15.30 12.80 -5.14
N ILE B 130 15.71 13.64 -6.09
CA ILE B 130 16.29 13.16 -7.33
C ILE B 130 17.58 12.36 -7.09
N GLU B 131 18.41 12.90 -6.19
CA GLU B 131 19.68 12.30 -5.83
C GLU B 131 19.44 10.91 -5.24
N SER B 132 18.55 10.85 -4.23
CA SER B 132 18.03 9.59 -3.72
C SER B 132 17.66 8.56 -4.78
N LEU B 133 16.85 8.93 -5.77
CA LEU B 133 16.51 8.00 -6.84
C LEU B 133 17.77 7.63 -7.62
N ALA B 134 18.58 8.64 -7.94
CA ALA B 134 19.76 8.42 -8.76
C ALA B 134 20.68 7.36 -8.14
N ARG B 135 20.85 7.45 -6.82
CA ARG B 135 21.64 6.50 -6.07
C ARG B 135 20.86 5.24 -5.92
N LEU B 136 19.63 5.37 -5.45
CA LEU B 136 18.86 4.20 -5.06
C LEU B 136 18.73 3.16 -6.13
N SER B 137 18.84 3.54 -7.41
CA SER B 137 18.81 2.55 -8.49
C SER B 137 20.24 2.31 -8.93
N THR B 138 21.07 1.94 -7.96
CA THR B 138 22.52 1.71 -8.11
C THR B 138 22.94 0.99 -6.83
N LYS B 150 8.89 -14.69 13.48
CA LYS B 150 9.26 -14.64 12.07
C LYS B 150 10.18 -13.43 11.83
N PRO B 151 10.69 -13.25 10.59
CA PRO B 151 10.09 -13.61 9.27
C PRO B 151 9.74 -15.11 8.97
N ARG B 152 10.45 -16.10 9.54
CA ARG B 152 9.87 -17.45 9.56
C ARG B 152 10.71 -18.72 9.54
N LEU B 153 11.83 -18.71 8.80
CA LEU B 153 12.60 -19.91 8.25
C LEU B 153 12.32 -21.40 8.65
N SER B 154 12.20 -22.25 7.61
CA SER B 154 11.59 -23.61 7.65
C SER B 154 11.87 -24.67 8.79
N ASP B 155 11.40 -24.37 9.99
CA ASP B 155 11.11 -25.40 10.98
C ASP B 155 9.64 -25.30 11.32
N VAL B 156 8.95 -26.41 11.14
CA VAL B 156 7.52 -26.44 11.18
C VAL B 156 6.97 -25.83 12.46
N ARG B 157 7.44 -26.28 13.61
CA ARG B 157 7.04 -25.66 14.89
C ARG B 157 6.88 -24.11 14.86
N GLU B 158 7.77 -23.44 14.13
CA GLU B 158 7.83 -21.98 14.12
C GLU B 158 6.81 -21.32 13.18
N TRP B 159 6.72 -21.85 11.96
CA TRP B 159 5.65 -21.47 11.06
C TRP B 159 4.28 -21.57 11.70
N GLN B 160 4.11 -22.58 12.56
CA GLN B 160 2.87 -22.80 13.28
C GLN B 160 2.58 -21.63 14.20
N LEU B 161 3.58 -21.20 14.97
CA LEU B 161 3.33 -20.12 15.94
C LEU B 161 3.12 -18.76 15.23
N TYR B 162 3.81 -18.60 14.11
CA TYR B 162 3.63 -17.47 13.22
C TYR B 162 2.20 -17.32 12.66
N ILE B 163 1.71 -18.40 12.04
CA ILE B 163 0.37 -18.42 11.44
C ILE B 163 -0.71 -18.13 12.48
N LEU B 164 -0.71 -18.83 13.59
CA LEU B 164 -1.66 -18.53 14.63
C LEU B 164 -1.61 -17.10 15.07
N GLN B 165 -0.44 -16.47 14.98
CA GLN B 165 -0.25 -15.12 15.54
C GLN B 165 -0.73 -14.05 14.61
N SER B 166 -1.02 -14.42 13.37
CA SER B 166 -1.69 -13.51 12.45
C SER B 166 -3.23 -13.56 12.55
N PHE B 167 -3.77 -14.07 13.66
CA PHE B 167 -5.20 -14.04 13.90
C PHE B 167 -5.43 -12.88 14.83
N PRO B 168 -6.58 -12.20 14.70
CA PRO B 168 -6.78 -11.06 15.60
C PRO B 168 -6.67 -11.45 17.07
N GLY B 169 -5.87 -10.69 17.81
CA GLY B 169 -5.82 -10.79 19.26
C GLY B 169 -4.83 -11.77 19.79
N ILE B 170 -4.19 -12.52 18.91
CA ILE B 170 -3.39 -13.65 19.33
C ILE B 170 -1.88 -13.40 19.42
N GLY B 171 -1.37 -13.43 20.65
CA GLY B 171 0.06 -13.25 20.94
C GLY B 171 0.84 -14.55 20.81
N ARG B 172 2.12 -14.51 21.19
CA ARG B 172 2.98 -15.71 21.14
C ARG B 172 2.58 -16.70 22.24
N ARG B 173 2.29 -16.16 23.43
CA ARG B 173 1.92 -16.96 24.59
C ARG B 173 0.58 -17.72 24.33
N THR B 174 -0.38 -17.02 23.73
CA THR B 174 -1.62 -17.66 23.34
C THR B 174 -1.39 -18.69 22.19
N ALA B 175 -0.54 -18.36 21.24
CA ALA B 175 -0.25 -19.29 20.17
C ALA B 175 0.32 -20.59 20.73
N GLU B 176 1.28 -20.49 21.67
CA GLU B 176 1.85 -21.63 22.45
C GLU B 176 0.72 -22.48 23.01
N ARG B 177 -0.06 -21.87 23.90
CA ARG B 177 -1.14 -22.55 24.58
C ARG B 177 -2.16 -23.17 23.64
N ILE B 178 -2.42 -22.53 22.51
CA ILE B 178 -3.29 -23.13 21.51
C ILE B 178 -2.69 -24.44 21.08
N LEU B 179 -1.42 -24.42 20.73
CA LEU B 179 -0.78 -25.61 20.22
C LEU B 179 -0.57 -26.70 21.30
N GLU B 180 -0.37 -26.28 22.55
CA GLU B 180 -0.42 -27.24 23.65
C GLU B 180 -1.77 -28.02 23.69
N ARG B 181 -2.92 -27.31 23.68
CA ARG B 181 -4.24 -27.95 23.77
C ARG B 181 -4.60 -28.80 22.60
N PHE B 182 -4.38 -28.29 21.41
CA PHE B 182 -4.89 -28.96 20.22
C PHE B 182 -3.80 -29.69 19.47
N GLY B 183 -2.55 -29.45 19.84
CA GLY B 183 -1.43 -30.14 19.24
C GLY B 183 -1.22 -30.08 17.74
N SER B 184 -2.15 -29.49 16.99
CA SER B 184 -2.12 -29.48 15.52
C SER B 184 -2.93 -28.27 15.06
N LEU B 185 -2.58 -27.69 13.91
CA LEU B 185 -3.32 -26.51 13.43
C LEU B 185 -4.64 -26.97 12.92
N GLU B 186 -4.59 -28.00 12.08
CA GLU B 186 -5.78 -28.61 11.51
C GLU B 186 -6.84 -28.91 12.55
N ARG B 187 -6.38 -29.34 13.71
CA ARG B 187 -7.26 -29.62 14.81
C ARG B 187 -7.92 -28.32 15.32
N PHE B 188 -7.10 -27.29 15.58
CA PHE B 188 -7.58 -25.95 15.98
C PHE B 188 -8.51 -25.35 14.97
N PHE B 189 -8.09 -25.40 13.72
CA PHE B 189 -8.87 -24.81 12.64
C PHE B 189 -10.26 -25.38 12.54
N THR B 190 -10.51 -26.51 13.22
CA THR B 190 -11.82 -27.20 13.15
C THR B 190 -12.45 -27.38 14.53
N ALA B 191 -11.83 -26.80 15.55
CA ALA B 191 -12.40 -26.85 16.89
C ALA B 191 -13.67 -26.01 17.03
N SER B 192 -14.41 -26.22 18.12
CA SER B 192 -15.65 -25.49 18.36
C SER B 192 -15.39 -24.11 18.95
N LYS B 193 -16.29 -23.17 18.68
CA LYS B 193 -16.22 -21.87 19.34
C LYS B 193 -15.95 -22.10 20.84
N ALA B 194 -16.76 -22.95 21.47
CA ALA B 194 -16.59 -23.17 22.91
C ALA B 194 -15.22 -23.75 23.25
N GLU B 195 -14.71 -24.63 22.37
CA GLU B 195 -13.40 -25.24 22.56
C GLU B 195 -12.33 -24.15 22.59
N ILE B 196 -12.32 -23.38 21.51
CA ILE B 196 -11.37 -22.30 21.27
C ILE B 196 -11.41 -21.21 22.36
N SER B 197 -12.58 -20.66 22.65
CA SER B 197 -12.67 -19.57 23.62
C SER B 197 -12.26 -19.93 25.06
N LYS B 198 -11.98 -21.20 25.31
CA LYS B 198 -11.60 -21.57 26.65
C LYS B 198 -10.09 -21.42 26.76
N VAL B 199 -9.39 -21.52 25.65
CA VAL B 199 -7.94 -21.33 25.64
C VAL B 199 -7.59 -19.98 26.30
N GLU B 200 -6.54 -20.00 27.11
CA GLU B 200 -6.18 -18.84 27.89
C GLU B 200 -5.63 -17.75 26.96
N GLY B 201 -6.31 -16.60 26.96
CA GLY B 201 -5.99 -15.47 26.08
C GLY B 201 -6.80 -15.44 24.80
N ILE B 202 -7.85 -16.26 24.77
CA ILE B 202 -8.91 -16.25 23.74
C ILE B 202 -10.22 -16.37 24.51
N GLY B 203 -11.03 -15.33 24.57
CA GLY B 203 -12.35 -15.49 25.18
C GLY B 203 -13.40 -15.64 24.10
N GLU B 204 -14.66 -15.38 24.45
CA GLU B 204 -15.76 -15.45 23.49
C GLU B 204 -15.51 -14.50 22.32
N LYS B 205 -15.17 -13.25 22.64
CA LYS B 205 -14.98 -12.20 21.61
C LYS B 205 -13.99 -12.63 20.52
N ARG B 206 -12.76 -12.94 20.93
CA ARG B 206 -11.70 -13.39 20.00
C ARG B 206 -12.03 -14.72 19.31
N ALA B 207 -12.77 -15.58 20.01
CA ALA B 207 -13.14 -16.86 19.41
C ALA B 207 -14.15 -16.64 18.31
N GLU B 208 -15.19 -15.85 18.59
CA GLU B 208 -16.18 -15.51 17.57
C GLU B 208 -15.49 -15.08 16.25
N GLU B 209 -14.56 -14.13 16.33
CA GLU B 209 -13.82 -13.68 15.15
C GLU B 209 -13.03 -14.77 14.47
N ILE B 210 -12.35 -15.59 15.26
CA ILE B 210 -11.58 -16.68 14.71
C ILE B 210 -12.45 -17.58 13.82
N LYS B 211 -13.55 -18.09 14.36
CA LYS B 211 -14.46 -18.99 13.63
C LYS B 211 -15.13 -18.25 12.46
N LYS B 212 -15.45 -16.96 12.66
CA LYS B 212 -15.99 -16.12 11.58
C LYS B 212 -14.97 -16.09 10.47
N ILE B 213 -13.71 -15.85 10.83
CA ILE B 213 -12.63 -15.93 9.85
C ILE B 213 -12.56 -17.31 9.26
N LEU B 214 -12.61 -18.34 10.10
CA LEU B 214 -12.39 -19.72 9.61
C LEU B 214 -13.50 -20.23 8.72
N MET B 215 -14.72 -19.74 8.94
CA MET B 215 -15.86 -20.31 8.28
C MET B 215 -16.62 -19.43 7.30
N THR B 216 -16.41 -18.11 7.28
CA THR B 216 -17.15 -17.28 6.33
C THR B 216 -16.74 -17.66 4.92
N PRO B 217 -17.74 -17.95 4.04
CA PRO B 217 -17.41 -18.30 2.66
C PRO B 217 -17.03 -17.08 1.83
N TYR B 218 -16.50 -17.36 0.65
CA TYR B 218 -16.18 -16.38 -0.34
C TYR B 218 -17.31 -15.36 -0.57
MG MG E . -1.61 5.14 10.46
S SO4 F . -16.64 7.97 -11.06
O1 SO4 F . -17.24 7.00 -10.15
O2 SO4 F . -17.25 7.85 -12.38
S SO4 G . -5.05 11.97 14.40
O1 SO4 G . -5.84 10.93 13.76
O2 SO4 G . -3.63 11.64 14.17
O3 SO4 G . -5.34 13.29 13.80
O4 SO4 G . -5.43 11.98 15.81
S SO4 H . 0.26 -1.94 10.56
O1 SO4 H . -0.67 -2.73 11.39
O2 SO4 H . -0.23 -1.80 9.19
O3 SO4 H . 0.29 -0.55 11.02
O4 SO4 H . 1.63 -2.55 10.58
S SO4 I . 7.99 17.86 -22.09
O1 SO4 I . 7.43 16.61 -21.55
O2 SO4 I . 8.61 17.60 -23.39
O3 SO4 I . 6.85 18.80 -22.26
O4 SO4 I . 9.02 18.35 -21.16
S SO4 J . -3.70 -8.05 16.96
O1 SO4 J . -4.35 -8.14 18.29
O2 SO4 J . -3.87 -9.25 16.11
O3 SO4 J . -4.39 -6.95 16.26
O4 SO4 J . -2.25 -7.77 17.08
S SO4 K . 4.04 -0.32 -10.33
O1 SO4 K . 5.37 -0.06 -9.75
O2 SO4 K . 3.95 -1.77 -10.50
O3 SO4 K . 2.98 0.09 -9.39
O4 SO4 K . 3.93 0.33 -11.65
#